data_7NYT
#
_entry.id   7NYT
#
_cell.length_a   83.540
_cell.length_b   82.210
_cell.length_c   110.734
_cell.angle_alpha   90.000
_cell.angle_beta   90.000
_cell.angle_gamma   90.000
#
_symmetry.space_group_name_H-M   'I 2 2 2'
#
loop_
_entity.id
_entity.type
_entity.pdbx_description
1 polymer 'Exoglucanase 1'
2 branched beta-D-galactopyranose-(1-4)-beta-D-glucopyranose
3 non-polymer 2-acetamido-2-deoxy-beta-D-glucopyranose
4 non-polymer beta-D-glucopyranose
5 non-polymer beta-D-galactopyranose
6 non-polymer P-NITROPHENOL
7 non-polymer 'COBALT (II) ION'
8 water water
#
_entity_poly.entity_id   1
_entity_poly.type   'polypeptide(L)'
_entity_poly.pdbx_seq_one_letter_code
;(PCA)SACTLQSETHPPLTWQKCSSGGTCTQQTGSVVIDANWRWTHATNSSTNCYDGNTWSSTLCPDNETCAKNCCLDGA
AYASTYGVTTSGNSLSIDFVTQSAQKNVGARLYLMASDTTYQEFTLLGNEFSFDVDVSQLPCGLNGALYFVSMDADGGVS
KYPTNTAGAKYGTGYCDSQCPRDLKFINGQANVEGWEPSSNNANTGIGGHGSCCSQMDIWEANSISEALTPHPCTTVGQE
ICEGDGCGGTYSDNRYGGTCDPDGCDWNPYRLGNTSFYGPGSSFTLDTTKKLTVVTQFETSGAINRYYVQNGVTFQQPNA
ELGSYSGNELNDDYCTAEEAEFGGSSFSDKGGLTQFKKATSGGMVLVMSLWDDYYANMLWLDSTYPTNETSSTPGAVRGS
CSTSSGVPAQVESQSPNAKVTFSNIKFGPIGSTGNPSG
;
_entity_poly.pdbx_strand_id   A
#
loop_
_chem_comp.id
_chem_comp.type
_chem_comp.name
_chem_comp.formula
BGC D-saccharide, beta linking beta-D-glucopyranose 'C6 H12 O6'
CO non-polymer 'COBALT (II) ION' 'Co 2'
GAL D-saccharide, beta linking beta-D-galactopyranose 'C6 H12 O6'
NAG D-saccharide, beta linking 2-acetamido-2-deoxy-beta-D-glucopyranose 'C8 H15 N O6'
NPO non-polymer P-NITROPHENOL 'C6 H5 N O3'
#
# COMPACT_ATOMS: atom_id res chain seq x y z
N PCA A 1 -18.72 4.65 11.40
CA PCA A 1 -18.56 4.09 12.73
CB PCA A 1 -17.38 3.12 12.54
CG PCA A 1 -16.59 3.75 11.40
CD PCA A 1 -17.60 4.59 10.67
OE PCA A 1 -17.46 5.08 9.54
C PCA A 1 -18.15 5.14 13.75
O PCA A 1 -17.52 6.14 13.41
N SER A 2 -18.52 4.89 15.01
CA SER A 2 -17.94 5.65 16.10
C SER A 2 -16.71 4.95 16.67
N ALA A 3 -16.09 5.56 17.68
CA ALA A 3 -14.97 4.97 18.41
C ALA A 3 -15.40 4.60 19.82
N CYS A 4 -14.88 3.48 20.30
CA CYS A 4 -15.02 3.04 21.67
C CYS A 4 -13.64 2.98 22.31
N THR A 5 -13.63 2.85 23.64
CA THR A 5 -12.41 2.93 24.45
C THR A 5 -12.27 1.80 25.45
N LEU A 6 -12.78 0.63 25.12
CA LEU A 6 -12.47 -0.56 25.93
C LEU A 6 -10.95 -0.86 25.90
N GLN A 7 -10.30 -0.47 24.81
N GLN A 7 -10.29 -0.59 24.78
CA GLN A 7 -8.87 -0.62 24.57
CA GLN A 7 -8.81 -0.63 24.67
C GLN A 7 -8.30 0.76 24.23
C GLN A 7 -8.32 0.75 24.29
N SER A 8 -7.29 1.22 24.98
CA SER A 8 -6.74 2.53 24.71
C SER A 8 -6.03 2.53 23.35
N GLU A 9 -6.00 3.71 22.73
CA GLU A 9 -5.34 3.93 21.45
C GLU A 9 -4.16 4.89 21.64
N THR A 10 -2.94 4.35 21.59
CA THR A 10 -1.69 5.12 21.72
C THR A 10 -0.90 4.84 20.46
N HIS A 11 -0.83 5.85 19.59
CA HIS A 11 -0.15 5.69 18.30
C HIS A 11 1.36 5.63 18.53
N PRO A 12 2.06 4.58 18.06
CA PRO A 12 3.52 4.56 18.22
C PRO A 12 4.16 5.78 17.58
N PRO A 13 4.99 6.56 18.29
CA PRO A 13 5.65 7.72 17.69
CA PRO A 13 5.63 7.73 17.67
C PRO A 13 6.61 7.35 16.55
N LEU A 14 6.79 8.27 15.60
CA LEU A 14 7.74 8.06 14.52
C LEU A 14 8.23 9.44 14.09
N THR A 15 9.55 9.63 14.04
CA THR A 15 10.12 10.84 13.54
C THR A 15 10.52 10.70 12.08
N TRP A 16 10.61 11.84 11.40
CA TRP A 16 11.03 11.91 10.02
C TRP A 16 11.66 13.28 9.79
N GLN A 17 12.38 13.45 8.68
CA GLN A 17 13.06 14.70 8.39
C GLN A 17 12.40 15.46 7.26
N LYS A 18 12.20 16.76 7.47
CA LYS A 18 11.75 17.69 6.43
CA LYS A 18 11.75 17.67 6.42
C LYS A 18 12.97 18.49 6.00
N CYS A 19 13.39 18.33 4.75
CA CYS A 19 14.58 18.99 4.26
C CYS A 19 14.19 20.19 3.38
N SER A 20 15.11 21.15 3.29
CA SER A 20 14.95 22.46 2.66
CA SER A 20 14.84 22.37 2.54
C SER A 20 15.89 22.59 1.45
N SER A 21 15.51 23.40 0.45
N SER A 21 15.52 23.44 0.47
CA SER A 21 16.40 23.66 -0.68
CA SER A 21 16.37 23.74 -0.68
C SER A 21 17.75 24.26 -0.24
C SER A 21 17.72 24.32 -0.27
N GLY A 22 17.75 24.99 0.88
CA GLY A 22 18.97 25.61 1.39
C GLY A 22 19.96 24.68 2.03
N GLY A 23 19.65 23.38 2.08
CA GLY A 23 20.66 22.40 2.46
C GLY A 23 20.57 21.82 3.86
N THR A 24 19.59 22.25 4.65
CA THR A 24 19.39 21.76 5.99
C THR A 24 18.13 20.92 6.06
N CYS A 25 18.05 20.10 7.11
CA CYS A 25 16.89 19.29 7.45
C CYS A 25 16.49 19.51 8.89
N THR A 26 15.20 19.36 9.17
N THR A 26 15.20 19.43 9.18
CA THR A 26 14.59 19.61 10.47
CA THR A 26 14.71 19.56 10.55
C THR A 26 13.75 18.38 10.85
C THR A 26 13.78 18.41 10.87
N GLN A 27 13.98 17.87 12.07
CA GLN A 27 13.23 16.72 12.55
C GLN A 27 11.78 17.07 12.83
N GLN A 28 10.90 16.19 12.36
CA GLN A 28 9.45 16.25 12.57
C GLN A 28 9.06 15.06 13.45
N THR A 29 8.04 15.25 14.28
CA THR A 29 7.53 14.18 15.13
C THR A 29 6.09 13.88 14.76
N GLY A 30 5.87 12.65 14.28
CA GLY A 30 4.55 12.13 13.99
C GLY A 30 4.35 10.81 14.75
N SER A 31 3.47 9.99 14.19
CA SER A 31 3.13 8.70 14.78
C SER A 31 2.49 7.87 13.69
N VAL A 32 2.27 6.58 13.99
CA VAL A 32 1.58 5.72 13.04
C VAL A 32 0.28 5.20 13.65
N VAL A 33 -0.70 4.96 12.78
CA VAL A 33 -1.99 4.43 13.17
C VAL A 33 -2.37 3.28 12.27
N ILE A 34 -2.94 2.23 12.86
CA ILE A 34 -3.37 1.07 12.08
C ILE A 34 -4.74 1.30 11.47
N ASP A 35 -4.89 0.80 10.24
CA ASP A 35 -6.15 0.83 9.49
C ASP A 35 -7.27 0.16 10.29
N ALA A 36 -8.46 0.75 10.15
CA ALA A 36 -9.67 0.31 10.82
C ALA A 36 -10.00 -1.17 10.61
N ASN A 37 -9.66 -1.74 9.46
CA ASN A 37 -9.99 -3.13 9.16
C ASN A 37 -9.35 -4.12 10.13
N TRP A 38 -8.23 -3.75 10.73
CA TRP A 38 -7.53 -4.63 11.65
C TRP A 38 -8.11 -4.61 13.06
N ARG A 39 -8.99 -3.65 13.34
CA ARG A 39 -9.50 -3.38 14.70
C ARG A 39 -10.65 -4.31 15.06
N TRP A 40 -10.87 -4.42 16.36
CA TRP A 40 -12.09 -4.95 16.93
C TRP A 40 -13.25 -3.98 16.64
N THR A 41 -14.31 -4.49 16.00
CA THR A 41 -15.52 -3.72 15.76
C THR A 41 -16.62 -4.36 16.61
N HIS A 42 -17.23 -3.59 17.53
CA HIS A 42 -18.18 -4.12 18.49
C HIS A 42 -19.32 -3.15 18.71
N ALA A 43 -20.35 -3.64 19.38
CA ALA A 43 -21.49 -2.83 19.73
C ALA A 43 -21.07 -1.67 20.61
N THR A 44 -21.71 -0.52 20.43
CA THR A 44 -21.32 0.67 21.19
C THR A 44 -21.50 0.52 22.69
N ASN A 45 -22.46 -0.32 23.09
CA ASN A 45 -22.83 -0.43 24.48
C ASN A 45 -22.55 -1.80 25.10
N SER A 46 -21.73 -2.62 24.44
CA SER A 46 -21.31 -3.90 25.00
C SER A 46 -20.02 -4.35 24.33
N SER A 47 -19.55 -5.55 24.65
CA SER A 47 -18.39 -6.14 24.01
CA SER A 47 -18.39 -6.17 24.02
C SER A 47 -18.77 -7.16 22.91
N THR A 48 -20.05 -7.16 22.51
CA THR A 48 -20.53 -8.04 21.45
C THR A 48 -19.95 -7.61 20.09
N ASN A 49 -19.28 -8.53 19.42
CA ASN A 49 -18.71 -8.23 18.11
C ASN A 49 -19.80 -7.83 17.10
N CYS A 50 -19.50 -6.84 16.25
CA CYS A 50 -20.29 -6.60 15.04
C CYS A 50 -19.82 -7.43 13.86
N TYR A 51 -18.57 -7.86 13.91
CA TYR A 51 -17.88 -8.64 12.86
C TYR A 51 -16.96 -9.63 13.56
N ASP A 52 -16.95 -10.87 13.10
CA ASP A 52 -16.05 -11.89 13.64
C ASP A 52 -15.80 -12.91 12.55
N GLY A 53 -14.58 -13.44 12.49
CA GLY A 53 -14.19 -14.29 11.39
C GLY A 53 -14.32 -13.51 10.11
N ASN A 54 -15.23 -13.94 9.22
CA ASN A 54 -15.53 -13.16 8.02
C ASN A 54 -17.01 -12.92 7.82
N THR A 55 -17.74 -12.87 8.95
CA THR A 55 -19.19 -12.72 9.03
C THR A 55 -19.56 -11.52 9.85
N TRP A 56 -20.49 -10.70 9.34
CA TRP A 56 -21.13 -9.67 10.13
C TRP A 56 -22.27 -10.22 10.99
N SER A 57 -22.45 -9.61 12.17
CA SER A 57 -23.63 -9.86 13.00
C SER A 57 -24.89 -9.48 12.24
N SER A 58 -25.78 -10.45 12.00
CA SER A 58 -26.99 -10.17 11.24
C SER A 58 -28.01 -9.33 12.02
N THR A 59 -27.88 -9.31 13.36
CA THR A 59 -28.74 -8.52 14.20
C THR A 59 -28.23 -7.10 14.38
N LEU A 60 -26.93 -6.94 14.67
CA LEU A 60 -26.37 -5.59 14.83
C LEU A 60 -26.23 -4.87 13.49
N CYS A 61 -25.99 -5.65 12.42
CA CYS A 61 -25.66 -5.12 11.12
C CYS A 61 -26.58 -5.64 10.02
N PRO A 62 -27.91 -5.36 10.09
CA PRO A 62 -28.83 -5.81 9.05
C PRO A 62 -28.70 -5.01 7.75
N ASP A 63 -28.12 -3.81 7.82
CA ASP A 63 -27.90 -2.97 6.65
C ASP A 63 -26.74 -2.03 7.00
N ASN A 64 -26.23 -1.31 6.01
CA ASN A 64 -25.02 -0.53 6.18
C ASN A 64 -25.18 0.61 7.20
N GLU A 65 -26.34 1.27 7.20
CA GLU A 65 -26.55 2.43 8.07
C GLU A 65 -26.81 2.02 9.51
N THR A 66 -27.66 1.02 9.71
CA THR A 66 -27.91 0.51 11.04
C THR A 66 -26.63 -0.02 11.69
N CYS A 67 -25.82 -0.74 10.90
CA CYS A 67 -24.57 -1.28 11.38
C CYS A 67 -23.65 -0.15 11.88
N ALA A 68 -23.45 0.90 11.07
CA ALA A 68 -22.59 2.01 11.48
C ALA A 68 -23.12 2.71 12.74
N LYS A 69 -24.44 2.82 12.88
CA LYS A 69 -25.02 3.40 14.09
C LYS A 69 -24.75 2.54 15.32
N ASN A 70 -24.85 1.22 15.16
CA ASN A 70 -24.74 0.28 16.26
C ASN A 70 -23.31 -0.05 16.68
N CYS A 71 -22.33 0.23 15.82
CA CYS A 71 -20.99 -0.31 15.96
C CYS A 71 -19.90 0.75 16.06
N CYS A 72 -18.84 0.37 16.77
CA CYS A 72 -17.67 1.20 16.94
C CYS A 72 -16.39 0.41 16.72
N LEU A 73 -15.34 1.17 16.39
CA LEU A 73 -13.98 0.69 16.30
C LEU A 73 -13.31 0.93 17.64
N ASP A 74 -12.50 -0.02 18.11
CA ASP A 74 -11.79 0.16 19.38
C ASP A 74 -10.28 0.31 19.18
N GLY A 75 -9.56 0.52 20.29
CA GLY A 75 -8.13 0.73 20.23
C GLY A 75 -7.34 -0.52 19.91
N ALA A 76 -6.07 -0.31 19.59
CA ALA A 76 -5.14 -1.36 19.16
C ALA A 76 -3.95 -1.46 20.10
N ALA A 77 -3.60 -2.69 20.50
CA ALA A 77 -2.37 -2.97 21.22
C ALA A 77 -1.33 -3.25 20.15
N TYR A 78 -0.59 -2.21 19.78
CA TYR A 78 0.24 -2.22 18.55
C TYR A 78 1.27 -3.37 18.60
N ALA A 79 2.06 -3.47 19.68
CA ALA A 79 3.10 -4.49 19.75
C ALA A 79 2.50 -5.89 19.98
N SER A 80 1.67 -6.04 20.99
N SER A 80 1.70 -6.02 21.04
CA SER A 80 1.25 -7.38 21.43
CA SER A 80 1.19 -7.30 21.49
C SER A 80 0.19 -8.04 20.55
C SER A 80 0.31 -7.99 20.46
N THR A 81 -0.66 -7.24 19.92
CA THR A 81 -1.65 -7.79 18.98
C THR A 81 -1.12 -7.76 17.55
N TYR A 82 -0.49 -6.66 17.14
CA TYR A 82 -0.23 -6.40 15.71
C TYR A 82 1.25 -6.52 15.33
N GLY A 83 2.17 -6.71 16.27
CA GLY A 83 3.57 -6.79 15.90
C GLY A 83 4.15 -5.54 15.27
N VAL A 84 3.62 -4.39 15.69
CA VAL A 84 4.05 -3.11 15.18
C VAL A 84 4.80 -2.38 16.30
N THR A 85 6.05 -1.97 16.03
CA THR A 85 6.83 -1.20 16.98
C THR A 85 7.54 -0.09 16.25
N THR A 86 7.89 0.97 17.01
CA THR A 86 8.74 2.02 16.50
C THR A 86 9.82 2.33 17.48
N SER A 87 10.88 2.92 16.93
N SER A 87 10.90 2.93 16.96
CA SER A 87 11.99 3.41 17.73
CA SER A 87 11.99 3.44 17.78
C SER A 87 12.62 4.58 16.99
C SER A 87 12.69 4.57 17.05
N GLY A 88 12.40 5.80 17.47
CA GLY A 88 12.96 6.98 16.84
C GLY A 88 12.40 7.15 15.43
N ASN A 89 13.29 7.02 14.43
CA ASN A 89 12.91 7.12 13.04
C ASN A 89 12.61 5.79 12.35
N SER A 90 12.47 4.72 13.13
CA SER A 90 12.32 3.39 12.57
C SER A 90 10.99 2.77 12.96
N LEU A 91 10.41 2.04 12.00
CA LEU A 91 9.15 1.31 12.13
C LEU A 91 9.39 -0.14 11.71
N SER A 92 9.01 -1.08 12.57
CA SER A 92 9.05 -2.49 12.24
C SER A 92 7.64 -3.10 12.27
N ILE A 93 7.33 -3.93 11.26
CA ILE A 93 6.09 -4.66 11.18
C ILE A 93 6.42 -6.15 11.04
N ASP A 94 5.97 -6.94 12.00
CA ASP A 94 6.09 -8.40 11.98
C ASP A 94 4.99 -9.02 11.13
N PHE A 95 5.27 -10.19 10.55
CA PHE A 95 4.31 -10.82 9.64
C PHE A 95 3.16 -11.51 10.38
N VAL A 96 3.45 -12.48 11.23
CA VAL A 96 2.41 -13.14 12.03
C VAL A 96 2.66 -12.89 13.50
N THR A 97 1.62 -12.40 14.20
CA THR A 97 1.68 -12.19 15.64
C THR A 97 0.56 -12.96 16.31
N GLN A 98 0.94 -13.84 17.25
N GLN A 98 0.93 -13.83 17.26
CA GLN A 98 -0.01 -14.64 18.00
CA GLN A 98 -0.03 -14.65 17.98
C GLN A 98 -0.26 -13.95 19.33
C GLN A 98 -0.29 -14.10 19.37
N SER A 99 -1.54 -13.69 19.62
CA SER A 99 -1.97 -13.21 20.93
C SER A 99 -3.15 -14.14 21.28
N ALA A 100 -4.27 -13.59 21.76
CA ALA A 100 -5.47 -14.42 21.91
C ALA A 100 -5.91 -14.96 20.56
N GLN A 101 -5.61 -14.22 19.48
CA GLN A 101 -5.86 -14.67 18.12
C GLN A 101 -4.63 -14.43 17.27
N LYS A 102 -4.66 -14.95 16.05
CA LYS A 102 -3.61 -14.77 15.06
C LYS A 102 -3.87 -13.52 14.24
N ASN A 103 -2.85 -12.68 14.10
CA ASN A 103 -2.87 -11.50 13.25
C ASN A 103 -1.84 -11.64 12.15
N VAL A 104 -2.21 -11.25 10.93
CA VAL A 104 -1.29 -11.20 9.80
C VAL A 104 -1.12 -9.77 9.30
N GLY A 105 0.11 -9.29 9.43
CA GLY A 105 0.53 -8.00 8.91
C GLY A 105 -0.22 -6.81 9.47
N ALA A 106 -0.11 -5.71 8.76
CA ALA A 106 -0.69 -4.44 9.18
C ALA A 106 -0.62 -3.49 8.01
N ARG A 107 -1.52 -2.50 8.02
CA ARG A 107 -1.45 -1.32 7.14
C ARG A 107 -1.52 -0.10 8.04
N LEU A 108 -0.53 0.79 7.93
CA LEU A 108 -0.35 1.89 8.85
C LEU A 108 -0.25 3.19 8.07
N TYR A 109 -0.74 4.27 8.67
CA TYR A 109 -0.65 5.63 8.09
C TYR A 109 0.21 6.51 8.99
N LEU A 110 0.97 7.42 8.38
CA LEU A 110 1.69 8.43 9.14
C LEU A 110 0.77 9.59 9.52
N MET A 111 0.75 9.89 10.82
CA MET A 111 -0.07 10.95 11.37
CA MET A 111 -0.07 10.94 11.42
C MET A 111 0.70 12.24 11.57
N ALA A 112 -0.04 13.34 11.51
CA ALA A 112 0.43 14.70 11.84
C ALA A 112 0.11 15.05 13.29
N SER A 113 -1.03 14.62 13.78
CA SER A 113 -1.46 14.78 15.16
C SER A 113 -2.16 13.49 15.47
N ASP A 114 -2.58 13.33 16.74
CA ASP A 114 -3.23 12.08 17.08
CA ASP A 114 -3.30 12.16 17.19
C ASP A 114 -4.59 11.90 16.44
N THR A 115 -5.09 12.92 15.73
CA THR A 115 -6.38 12.85 15.09
C THR A 115 -6.39 13.19 13.59
N THR A 116 -5.21 13.35 12.97
CA THR A 116 -5.11 13.75 11.59
C THR A 116 -3.92 13.07 10.90
N TYR A 117 -4.12 12.77 9.63
CA TYR A 117 -3.02 12.22 8.80
C TYR A 117 -2.12 13.33 8.28
N GLN A 118 -0.83 13.00 8.13
CA GLN A 118 0.13 13.87 7.45
C GLN A 118 -0.11 13.83 5.95
N GLU A 119 -0.20 15.00 5.30
CA GLU A 119 -0.30 15.08 3.86
C GLU A 119 1.04 15.52 3.30
N PHE A 120 1.40 14.95 2.15
CA PHE A 120 2.60 15.29 1.40
C PHE A 120 2.21 15.64 -0.03
N THR A 121 2.77 16.73 -0.56
CA THR A 121 2.68 17.10 -1.97
C THR A 121 3.94 16.61 -2.66
N LEU A 122 3.80 15.55 -3.46
CA LEU A 122 4.96 14.90 -4.04
C LEU A 122 5.57 15.71 -5.19
N LEU A 123 4.76 16.38 -6.01
CA LEU A 123 5.26 17.02 -7.21
C LEU A 123 6.29 18.10 -6.86
N GLY A 124 7.46 18.03 -7.51
CA GLY A 124 8.57 18.93 -7.25
C GLY A 124 9.49 18.49 -6.14
N ASN A 125 9.09 17.44 -5.43
CA ASN A 125 9.78 16.98 -4.25
C ASN A 125 10.33 15.56 -4.43
N GLU A 126 11.07 15.11 -3.43
CA GLU A 126 11.58 13.75 -3.38
C GLU A 126 11.35 13.17 -2.00
N PHE A 127 11.29 11.85 -1.98
CA PHE A 127 11.03 11.08 -0.80
C PHE A 127 12.13 10.03 -0.68
N SER A 128 12.79 9.97 0.49
CA SER A 128 13.86 9.02 0.75
C SER A 128 13.50 8.19 1.97
N PHE A 129 13.85 6.91 1.95
CA PHE A 129 13.75 6.08 3.13
C PHE A 129 14.78 4.97 3.06
N ASP A 130 15.09 4.40 4.22
CA ASP A 130 15.90 3.20 4.35
C ASP A 130 14.99 2.02 4.61
N VAL A 131 15.36 0.86 4.07
CA VAL A 131 14.57 -0.34 4.30
C VAL A 131 15.49 -1.52 4.49
N ASP A 132 15.03 -2.44 5.35
CA ASP A 132 15.65 -3.76 5.53
C ASP A 132 14.59 -4.77 5.13
N VAL A 133 14.83 -5.40 3.97
CA VAL A 133 13.97 -6.42 3.38
C VAL A 133 14.54 -7.83 3.57
N SER A 134 15.58 -7.97 4.40
CA SER A 134 16.31 -9.23 4.50
C SER A 134 15.45 -10.38 5.01
N GLN A 135 14.44 -10.05 5.82
CA GLN A 135 13.55 -11.06 6.41
C GLN A 135 12.22 -11.16 5.67
N LEU A 136 12.19 -10.79 4.39
CA LEU A 136 11.03 -10.93 3.53
C LEU A 136 11.29 -11.96 2.44
N PRO A 137 10.77 -13.20 2.60
CA PRO A 137 10.93 -14.21 1.56
C PRO A 137 9.92 -14.03 0.41
N CYS A 138 10.04 -14.91 -0.59
CA CYS A 138 9.04 -15.02 -1.64
C CYS A 138 7.64 -15.00 -1.02
N GLY A 139 6.73 -14.28 -1.69
CA GLY A 139 5.34 -14.25 -1.28
C GLY A 139 4.91 -13.12 -0.38
N LEU A 140 5.87 -12.37 0.16
N LEU A 140 5.89 -12.36 0.12
CA LEU A 140 5.54 -11.24 1.03
CA LEU A 140 5.63 -11.24 1.03
C LEU A 140 5.82 -9.93 0.32
C LEU A 140 5.80 -9.92 0.27
N ASN A 141 5.15 -8.87 0.79
CA ASN A 141 5.29 -7.51 0.23
C ASN A 141 5.33 -6.54 1.41
N GLY A 142 6.52 -5.97 1.64
CA GLY A 142 6.68 -4.80 2.51
C GLY A 142 6.50 -3.57 1.62
N ALA A 143 5.42 -2.83 1.82
CA ALA A 143 5.05 -1.77 0.90
C ALA A 143 5.11 -0.40 1.58
N LEU A 144 5.61 0.57 0.84
CA LEU A 144 5.60 1.98 1.24
C LEU A 144 5.03 2.74 0.05
N TYR A 145 3.97 3.52 0.29
CA TYR A 145 3.23 4.12 -0.82
C TYR A 145 2.40 5.30 -0.34
N PHE A 146 1.85 6.02 -1.32
CA PHE A 146 1.00 7.18 -1.06
C PHE A 146 -0.35 6.98 -1.70
N VAL A 147 -1.41 7.48 -1.06
CA VAL A 147 -2.75 7.46 -1.59
C VAL A 147 -3.42 8.81 -1.34
N SER A 148 -4.37 9.16 -2.21
CA SER A 148 -5.11 10.43 -2.11
C SER A 148 -6.28 10.35 -1.12
N MET A 149 -5.94 10.14 0.16
CA MET A 149 -6.87 10.12 1.30
C MET A 149 -7.07 11.51 1.88
N ASP A 150 -8.23 11.72 2.50
CA ASP A 150 -8.53 12.93 3.28
C ASP A 150 -7.76 12.94 4.58
N ALA A 151 -7.33 14.12 5.02
CA ALA A 151 -6.50 14.23 6.24
C ALA A 151 -7.25 13.82 7.51
N ASP A 152 -8.57 13.95 7.52
CA ASP A 152 -9.41 13.60 8.65
C ASP A 152 -9.98 12.19 8.59
N GLY A 153 -9.57 11.41 7.59
CA GLY A 153 -10.12 10.08 7.41
C GLY A 153 -11.58 10.01 6.99
N GLY A 154 -12.13 11.13 6.48
CA GLY A 154 -13.48 11.17 5.92
C GLY A 154 -14.53 11.85 6.78
N VAL A 155 -14.18 12.25 8.01
CA VAL A 155 -15.16 12.76 8.96
C VAL A 155 -15.95 13.97 8.44
N SER A 156 -15.27 14.94 7.81
CA SER A 156 -15.97 16.17 7.40
C SER A 156 -17.02 15.86 6.33
N LYS A 157 -16.78 14.85 5.50
CA LYS A 157 -17.71 14.51 4.45
C LYS A 157 -18.82 13.55 4.86
N TYR A 158 -18.55 12.71 5.87
CA TYR A 158 -19.45 11.61 6.30
C TYR A 158 -19.59 11.68 7.82
N PRO A 159 -20.41 12.56 8.40
N PRO A 159 -20.57 12.49 8.29
CA PRO A 159 -20.45 12.66 9.86
CA PRO A 159 -20.82 12.71 9.72
C PRO A 159 -21.02 11.46 10.66
C PRO A 159 -20.91 11.45 10.58
N THR A 160 -21.45 10.38 10.00
CA THR A 160 -21.63 9.11 10.71
C THR A 160 -20.30 8.37 10.95
N ASN A 161 -19.21 8.87 10.36
CA ASN A 161 -17.87 8.46 10.78
C ASN A 161 -17.40 9.48 11.81
N THR A 162 -17.47 9.12 13.09
CA THR A 162 -16.88 9.96 14.14
C THR A 162 -15.55 9.42 14.65
N ALA A 163 -15.12 8.26 14.17
CA ALA A 163 -13.86 7.64 14.58
C ALA A 163 -12.64 8.31 13.96
N GLY A 164 -12.70 8.53 12.65
CA GLY A 164 -11.70 9.32 11.97
C GLY A 164 -10.31 8.70 11.84
N ALA A 165 -9.37 9.56 11.46
CA ALA A 165 -7.97 9.21 11.31
C ALA A 165 -7.36 8.59 12.57
N LYS A 166 -7.85 9.01 13.75
CA LYS A 166 -7.35 8.46 15.01
C LYS A 166 -7.50 6.94 15.05
N TYR A 167 -8.50 6.43 14.36
CA TYR A 167 -8.81 4.97 14.28
C TYR A 167 -8.58 4.44 12.85
N GLY A 168 -7.82 5.16 12.02
CA GLY A 168 -7.46 4.61 10.73
C GLY A 168 -8.57 4.45 9.73
N THR A 169 -9.55 5.36 9.73
CA THR A 169 -10.62 5.33 8.72
C THR A 169 -10.20 6.04 7.43
N GLY A 170 -11.00 5.82 6.39
CA GLY A 170 -10.90 6.61 5.16
C GLY A 170 -9.97 6.07 4.08
N TYR A 171 -9.50 4.84 4.21
CA TYR A 171 -8.58 4.29 3.20
C TYR A 171 -9.24 4.25 1.83
N CYS A 172 -8.39 4.43 0.82
CA CYS A 172 -8.71 4.21 -0.58
C CYS A 172 -7.43 3.86 -1.27
N ASP A 173 -7.52 3.15 -2.38
CA ASP A 173 -6.37 2.95 -3.27
C ASP A 173 -6.83 2.62 -4.66
N SER A 174 -5.88 2.32 -5.55
N SER A 174 -5.88 2.35 -5.56
CA SER A 174 -6.20 2.17 -6.94
CA SER A 174 -6.19 2.16 -6.96
C SER A 174 -6.81 0.81 -7.28
C SER A 174 -6.64 0.75 -7.32
N GLN A 175 -6.89 -0.08 -6.30
CA GLN A 175 -7.64 -1.32 -6.42
C GLN A 175 -9.11 -1.14 -6.08
N CYS A 176 -9.54 0.07 -5.67
CA CYS A 176 -10.91 0.32 -5.27
C CYS A 176 -11.39 -0.75 -4.28
N PRO A 177 -10.62 -0.97 -3.18
CA PRO A 177 -10.84 -2.12 -2.32
C PRO A 177 -12.26 -2.18 -1.76
N ARG A 178 -12.83 -3.37 -1.91
CA ARG A 178 -14.16 -3.74 -1.42
C ARG A 178 -14.08 -4.58 -0.13
N ASP A 179 -12.87 -4.87 0.35
CA ASP A 179 -12.69 -5.63 1.58
C ASP A 179 -12.85 -4.79 2.85
N LEU A 180 -12.93 -3.46 2.67
CA LEU A 180 -13.08 -2.54 3.77
C LEU A 180 -14.42 -2.69 4.46
N LYS A 181 -14.41 -2.70 5.78
CA LYS A 181 -15.63 -2.91 6.56
C LYS A 181 -16.47 -1.65 6.72
N PHE A 182 -15.83 -0.47 6.71
CA PHE A 182 -16.53 0.81 6.71
C PHE A 182 -16.00 1.67 5.58
N ILE A 183 -16.93 2.25 4.80
CA ILE A 183 -16.60 3.19 3.74
C ILE A 183 -17.63 4.33 3.81
N ASN A 184 -17.14 5.56 3.80
CA ASN A 184 -18.01 6.75 3.77
C ASN A 184 -19.02 6.76 4.92
N GLY A 185 -18.56 6.38 6.12
N GLY A 185 -18.57 6.34 6.10
CA GLY A 185 -19.38 6.52 7.31
CA GLY A 185 -19.37 6.41 7.30
C GLY A 185 -20.55 5.57 7.38
C GLY A 185 -20.46 5.36 7.42
N GLN A 186 -20.44 4.46 6.65
N GLN A 186 -20.45 4.41 6.47
CA GLN A 186 -21.41 3.39 6.77
CA GLN A 186 -21.41 3.31 6.43
C GLN A 186 -20.66 2.05 6.61
C GLN A 186 -20.64 2.01 6.56
N ALA A 187 -21.26 0.97 7.12
CA ALA A 187 -20.66 -0.35 7.02
C ALA A 187 -20.74 -0.83 5.56
N ASN A 188 -20.12 -1.98 5.30
CA ASN A 188 -20.07 -2.58 3.99
C ASN A 188 -20.64 -4.01 4.06
N VAL A 189 -21.60 -4.21 4.97
CA VAL A 189 -22.27 -5.50 5.13
C VAL A 189 -23.18 -5.86 3.93
N GLU A 190 -23.81 -4.86 3.31
CA GLU A 190 -24.68 -5.15 2.18
C GLU A 190 -23.85 -5.72 1.04
N GLY A 191 -24.27 -6.88 0.53
CA GLY A 191 -23.53 -7.57 -0.52
C GLY A 191 -22.30 -8.34 -0.08
N TRP A 192 -22.09 -8.45 1.23
CA TRP A 192 -20.87 -9.08 1.74
C TRP A 192 -20.78 -10.55 1.35
N GLU A 193 -19.63 -10.94 0.83
CA GLU A 193 -19.35 -12.35 0.55
C GLU A 193 -18.04 -12.71 1.22
N PRO A 194 -18.01 -13.73 2.09
CA PRO A 194 -16.78 -14.13 2.75
CA PRO A 194 -16.77 -14.09 2.75
C PRO A 194 -15.75 -14.61 1.73
N SER A 195 -14.48 -14.39 2.01
CA SER A 195 -13.43 -14.89 1.16
CA SER A 195 -13.41 -14.90 1.17
C SER A 195 -13.41 -16.41 1.22
N SER A 196 -13.21 -17.06 0.07
N SER A 196 -13.22 -17.06 0.07
CA SER A 196 -13.15 -18.50 0.00
CA SER A 196 -13.18 -18.51 0.02
C SER A 196 -11.91 -19.07 0.72
C SER A 196 -11.86 -19.12 0.53
N ASN A 197 -10.83 -18.29 0.75
CA ASN A 197 -9.55 -18.77 1.27
C ASN A 197 -8.96 -18.03 2.47
N ASN A 198 -9.72 -17.10 3.04
CA ASN A 198 -9.25 -16.30 4.15
C ASN A 198 -10.36 -16.17 5.16
N ALA A 199 -10.16 -16.81 6.31
CA ALA A 199 -11.15 -16.88 7.37
C ALA A 199 -11.50 -15.55 7.98
N ASN A 200 -10.66 -14.53 7.73
CA ASN A 200 -10.84 -13.21 8.35
C ASN A 200 -11.36 -12.11 7.45
N THR A 201 -11.52 -12.37 6.14
CA THR A 201 -11.84 -11.31 5.19
C THR A 201 -12.99 -11.64 4.28
N GLY A 202 -13.50 -10.61 3.60
CA GLY A 202 -14.51 -10.76 2.59
C GLY A 202 -14.51 -9.56 1.66
N ILE A 203 -15.56 -9.49 0.84
CA ILE A 203 -15.75 -8.50 -0.22
CA ILE A 203 -15.75 -8.50 -0.21
C ILE A 203 -17.19 -7.99 -0.09
N GLY A 204 -17.36 -6.67 0.09
CA GLY A 204 -18.69 -6.06 0.19
C GLY A 204 -19.19 -5.41 -1.11
N GLY A 205 -20.39 -4.83 -1.03
CA GLY A 205 -21.03 -4.18 -2.15
C GLY A 205 -20.44 -2.83 -2.56
N HIS A 206 -19.65 -2.21 -1.67
N HIS A 206 -19.57 -2.27 -1.74
CA HIS A 206 -18.99 -0.93 -1.90
CA HIS A 206 -18.95 -1.00 -2.08
C HIS A 206 -17.46 -1.13 -1.91
C HIS A 206 -17.45 -1.09 -1.88
N GLY A 207 -16.76 -0.24 -2.63
CA GLY A 207 -15.32 -0.11 -2.57
C GLY A 207 -14.91 1.37 -2.47
N SER A 208 -13.61 1.59 -2.24
CA SER A 208 -13.12 2.95 -2.00
C SER A 208 -11.88 3.24 -2.88
N CYS A 209 -12.07 4.07 -3.90
CA CYS A 209 -11.08 4.33 -4.94
C CYS A 209 -10.33 5.62 -4.72
N CYS A 210 -9.04 5.63 -5.06
CA CYS A 210 -8.29 6.87 -5.25
C CYS A 210 -6.94 6.58 -5.88
N SER A 211 -6.29 7.65 -6.33
CA SER A 211 -4.96 7.58 -6.92
C SER A 211 -3.96 7.03 -5.93
N GLN A 212 -2.93 6.36 -6.47
CA GLN A 212 -1.96 5.64 -5.65
C GLN A 212 -0.55 5.68 -6.26
N MET A 213 0.41 6.14 -5.48
N MET A 213 0.43 6.14 -5.48
CA MET A 213 1.80 6.09 -5.86
CA MET A 213 1.85 6.12 -5.88
C MET A 213 2.47 4.97 -5.10
C MET A 213 2.54 5.00 -5.12
N ASP A 214 2.67 3.82 -5.75
CA ASP A 214 3.39 2.70 -5.12
C ASP A 214 4.88 2.92 -5.27
N ILE A 215 5.44 3.65 -4.29
CA ILE A 215 6.87 3.91 -4.30
CA ILE A 215 6.88 3.92 -4.26
C ILE A 215 7.66 2.61 -4.20
N TRP A 216 7.19 1.70 -3.33
CA TRP A 216 7.98 0.54 -2.97
C TRP A 216 7.06 -0.61 -2.66
N GLU A 217 7.14 -1.65 -3.49
CA GLU A 217 6.51 -2.94 -3.20
C GLU A 217 7.62 -3.96 -3.40
N ALA A 218 8.00 -4.69 -2.35
CA ALA A 218 9.24 -5.43 -2.41
C ALA A 218 9.36 -6.50 -1.35
N ASN A 219 10.23 -7.46 -1.65
CA ASN A 219 10.75 -8.41 -0.69
C ASN A 219 12.24 -8.57 -0.99
N SER A 220 12.88 -9.60 -0.44
CA SER A 220 14.30 -9.79 -0.66
C SER A 220 14.67 -10.22 -2.07
N ILE A 221 13.67 -10.57 -2.89
CA ILE A 221 13.87 -11.07 -4.25
C ILE A 221 13.57 -10.03 -5.35
N SER A 222 12.49 -9.26 -5.20
CA SER A 222 12.02 -8.35 -6.23
C SER A 222 11.49 -7.06 -5.64
N GLU A 223 11.52 -5.99 -6.44
CA GLU A 223 10.98 -4.69 -6.07
C GLU A 223 10.40 -4.01 -7.28
N ALA A 224 9.36 -3.21 -7.04
CA ALA A 224 8.66 -2.48 -8.09
C ALA A 224 8.22 -1.09 -7.64
N LEU A 225 8.23 -0.17 -8.62
CA LEU A 225 7.83 1.24 -8.48
C LEU A 225 6.67 1.44 -9.47
N THR A 226 5.48 1.87 -9.00
CA THR A 226 4.30 1.86 -9.86
C THR A 226 3.31 2.98 -9.55
N PRO A 227 3.21 4.01 -10.42
CA PRO A 227 2.09 4.94 -10.34
C PRO A 227 0.80 4.35 -10.91
N HIS A 228 -0.32 4.65 -10.24
CA HIS A 228 -1.66 4.20 -10.63
C HIS A 228 -2.62 5.39 -10.67
N PRO A 229 -3.03 5.87 -11.87
CA PRO A 229 -4.01 6.95 -11.98
C PRO A 229 -5.45 6.45 -11.85
N CYS A 230 -6.34 7.39 -11.52
CA CYS A 230 -7.78 7.19 -11.52
C CYS A 230 -8.47 8.38 -12.19
N THR A 231 -9.65 8.15 -12.77
CA THR A 231 -10.36 9.19 -13.49
C THR A 231 -10.86 10.30 -12.57
N THR A 232 -11.18 9.94 -11.32
CA THR A 232 -11.36 10.88 -10.22
C THR A 232 -10.16 10.73 -9.32
N VAL A 233 -9.47 11.84 -9.05
CA VAL A 233 -8.19 11.79 -8.38
C VAL A 233 -8.28 11.28 -6.93
N GLY A 234 -9.23 11.84 -6.18
CA GLY A 234 -9.34 11.60 -4.74
C GLY A 234 -10.31 10.50 -4.36
N GLN A 235 -10.52 10.36 -3.04
CA GLN A 235 -11.32 9.27 -2.50
C GLN A 235 -12.75 9.33 -3.04
N GLU A 236 -13.24 8.19 -3.53
CA GLU A 236 -14.58 8.09 -4.07
C GLU A 236 -15.08 6.67 -3.92
N ILE A 237 -16.32 6.52 -3.44
CA ILE A 237 -16.98 5.23 -3.34
C ILE A 237 -17.27 4.67 -4.72
N CYS A 238 -17.27 3.35 -4.82
CA CYS A 238 -17.73 2.64 -6.01
C CYS A 238 -18.69 1.52 -5.65
N GLU A 239 -19.46 1.10 -6.65
CA GLU A 239 -20.52 0.13 -6.46
C GLU A 239 -20.18 -1.21 -7.11
N GLY A 240 -20.06 -2.25 -6.27
CA GLY A 240 -19.96 -3.61 -6.78
C GLY A 240 -18.83 -3.82 -7.77
N ASP A 241 -19.11 -4.65 -8.80
N ASP A 241 -19.10 -4.53 -8.87
CA ASP A 241 -18.12 -4.96 -9.84
CA ASP A 241 -18.02 -4.97 -9.77
C ASP A 241 -17.74 -3.71 -10.62
C ASP A 241 -17.42 -3.90 -10.73
N GLY A 242 -18.62 -2.72 -10.59
N GLY A 242 -17.91 -2.65 -10.64
CA GLY A 242 -18.37 -1.42 -11.17
CA GLY A 242 -17.34 -1.51 -11.36
C GLY A 242 -17.14 -0.79 -10.56
C GLY A 242 -16.14 -0.91 -10.67
N CYS A 243 -16.71 -1.31 -9.40
N CYS A 243 -15.91 -1.40 -9.44
CA CYS A 243 -15.47 -0.89 -8.78
CA CYS A 243 -14.72 -1.10 -8.66
C CYS A 243 -14.23 -1.18 -9.61
C CYS A 243 -13.52 -1.74 -9.33
N GLY A 244 -14.26 -2.28 -10.36
N GLY A 244 -13.77 -2.85 -10.03
CA GLY A 244 -13.06 -2.85 -10.90
CA GLY A 244 -12.72 -3.66 -10.61
C GLY A 244 -12.11 -3.24 -9.77
C GLY A 244 -11.73 -4.02 -9.51
N GLY A 245 -10.81 -3.30 -10.06
N GLY A 245 -10.44 -3.97 -9.86
CA GLY A 245 -9.82 -3.69 -9.09
CA GLY A 245 -9.36 -4.27 -8.94
C GLY A 245 -9.67 -5.19 -9.00
C GLY A 245 -9.31 -5.72 -8.49
N THR A 246 -8.64 -5.59 -8.24
N THR A 246 -8.47 -5.98 -7.49
CA THR A 246 -8.19 -6.97 -8.18
CA THR A 246 -8.25 -7.31 -6.98
C THR A 246 -9.34 -7.93 -7.91
C THR A 246 -9.56 -8.01 -6.66
N TYR A 247 -10.25 -7.58 -7.01
N TYR A 247 -10.54 -7.24 -6.15
CA TYR A 247 -11.28 -8.53 -6.50
CA TYR A 247 -11.74 -7.78 -5.46
C TYR A 247 -12.64 -8.40 -7.18
C TYR A 247 -12.96 -7.86 -6.41
N SER A 248 -12.79 -7.51 -8.15
N SER A 248 -12.74 -7.72 -7.72
CA SER A 248 -14.02 -7.46 -8.94
CA SER A 248 -13.79 -7.94 -8.69
C SER A 248 -13.89 -8.40 -10.15
C SER A 248 -13.33 -8.99 -9.68
N ASP A 249 -15.03 -8.74 -10.74
N ASP A 249 -14.29 -9.70 -10.30
CA ASP A 249 -15.10 -9.60 -11.93
CA ASP A 249 -14.01 -10.69 -11.33
C ASP A 249 -14.15 -9.16 -13.04
C ASP A 249 -13.33 -10.02 -12.53
N ASN A 250 -14.21 -7.87 -13.38
N ASN A 250 -13.81 -8.82 -12.88
CA ASN A 250 -13.33 -7.30 -14.38
CA ASN A 250 -13.21 -7.97 -13.91
C ASN A 250 -12.49 -6.29 -13.67
C ASN A 250 -12.52 -6.76 -13.24
N ARG A 251 -11.20 -6.61 -13.48
CA ARG A 251 -10.31 -5.65 -12.78
C ARG A 251 -10.28 -4.29 -13.50
N TYR A 252 -10.66 -4.22 -14.78
N TYR A 252 -10.59 -4.27 -14.78
CA TYR A 252 -10.49 -3.00 -15.63
CA TYR A 252 -10.70 -3.00 -15.56
C TYR A 252 -11.81 -2.23 -15.82
C TYR A 252 -12.08 -2.42 -15.25
N GLY A 253 -12.87 -2.65 -15.14
N GLY A 253 -12.19 -1.83 -14.06
CA GLY A 253 -14.20 -2.08 -15.32
CA GLY A 253 -13.39 -1.15 -13.60
C GLY A 253 -14.55 -0.88 -14.46
C GLY A 253 -13.50 0.24 -14.20
N GLY A 254 -13.56 -0.32 -13.74
N GLY A 254 -14.37 1.06 -13.60
CA GLY A 254 -13.80 0.75 -12.82
CA GLY A 254 -14.77 2.34 -14.13
C GLY A 254 -13.06 2.02 -13.21
C GLY A 254 -13.85 3.52 -13.89
N THR A 255 -12.89 2.91 -12.23
N THR A 255 -13.15 3.57 -12.76
CA THR A 255 -12.41 4.26 -12.45
CA THR A 255 -12.27 4.68 -12.48
C THR A 255 -10.90 4.41 -12.23
C THR A 255 -10.76 4.45 -12.30
N CYS A 256 -10.29 3.39 -11.65
CA CYS A 256 -8.87 3.33 -11.36
C CYS A 256 -8.15 2.32 -12.23
N ASP A 257 -6.85 2.56 -12.42
CA ASP A 257 -5.97 1.64 -13.14
C ASP A 257 -5.37 0.69 -12.11
N PRO A 258 -5.79 -0.60 -12.07
CA PRO A 258 -5.28 -1.52 -11.07
C PRO A 258 -3.88 -2.08 -11.38
N ASP A 259 -3.39 -1.86 -12.60
CA ASP A 259 -2.10 -2.42 -13.02
C ASP A 259 -0.94 -1.44 -12.81
N GLY A 260 -1.14 -0.22 -13.26
CA GLY A 260 -0.14 0.83 -13.15
C GLY A 260 0.89 0.79 -14.25
N CYS A 261 1.75 1.81 -14.28
CA CYS A 261 2.94 1.81 -15.11
C CYS A 261 4.10 1.34 -14.25
N ASP A 262 4.29 0.01 -14.19
CA ASP A 262 5.21 -0.58 -13.20
C ASP A 262 6.63 -0.62 -13.75
N TRP A 263 7.60 -0.39 -12.85
CA TRP A 263 9.00 -0.50 -13.17
C TRP A 263 9.63 -1.44 -12.14
N ASN A 264 9.90 -2.69 -12.56
CA ASN A 264 10.58 -3.73 -11.79
C ASN A 264 11.85 -4.06 -12.57
N PRO A 265 13.05 -3.72 -12.05
CA PRO A 265 14.27 -3.90 -12.86
C PRO A 265 14.45 -5.34 -13.38
N TYR A 266 14.06 -6.33 -12.57
CA TYR A 266 14.18 -7.75 -12.97
C TYR A 266 13.27 -8.00 -14.17
N ARG A 267 12.03 -7.55 -14.09
CA ARG A 267 11.05 -7.72 -15.19
C ARG A 267 11.56 -7.09 -16.48
N LEU A 268 12.25 -5.96 -16.39
CA LEU A 268 12.82 -5.27 -17.52
C LEU A 268 14.10 -5.88 -18.08
N GLY A 269 14.65 -6.88 -17.41
CA GLY A 269 15.76 -7.65 -17.93
C GLY A 269 17.01 -7.71 -17.04
N ASN A 270 17.10 -6.84 -16.03
CA ASN A 270 18.29 -6.79 -15.23
C ASN A 270 18.12 -7.70 -14.03
N THR A 271 18.54 -8.96 -14.19
CA THR A 271 18.31 -9.99 -13.19
C THR A 271 19.41 -10.03 -12.13
N SER A 272 20.41 -9.13 -12.24
CA SER A 272 21.57 -9.06 -11.38
CA SER A 272 21.46 -9.11 -11.24
C SER A 272 21.58 -7.81 -10.47
N PHE A 273 20.55 -6.96 -10.56
CA PHE A 273 20.58 -5.69 -9.84
C PHE A 273 20.22 -5.79 -8.36
N TYR A 274 19.22 -6.60 -8.04
CA TYR A 274 18.59 -6.57 -6.69
C TYR A 274 18.34 -8.00 -6.23
N GLY A 275 18.98 -8.42 -5.15
CA GLY A 275 18.76 -9.76 -4.65
C GLY A 275 19.68 -10.05 -3.49
N PRO A 276 19.53 -11.25 -2.89
N PRO A 276 19.50 -11.23 -2.85
CA PRO A 276 20.26 -11.55 -1.66
CA PRO A 276 20.29 -11.58 -1.68
C PRO A 276 21.73 -11.96 -1.89
C PRO A 276 21.76 -11.91 -1.98
N GLY A 277 22.65 -11.18 -1.33
CA GLY A 277 24.05 -11.52 -1.31
C GLY A 277 24.86 -10.71 -2.27
N SER A 278 26.15 -11.05 -2.30
CA SER A 278 27.16 -10.25 -2.97
C SER A 278 27.13 -10.39 -4.51
N SER A 279 26.32 -11.31 -5.06
CA SER A 279 26.21 -11.46 -6.52
C SER A 279 25.29 -10.43 -7.18
N PHE A 280 24.65 -9.56 -6.37
CA PHE A 280 23.73 -8.56 -6.86
C PHE A 280 24.30 -7.17 -6.62
N THR A 281 23.90 -6.21 -7.45
CA THR A 281 24.36 -4.82 -7.31
C THR A 281 23.97 -4.26 -5.92
N LEU A 282 22.70 -4.45 -5.57
CA LEU A 282 22.10 -4.14 -4.27
C LEU A 282 21.87 -5.48 -3.56
N ASP A 283 22.51 -5.64 -2.39
CA ASP A 283 22.45 -6.86 -1.58
C ASP A 283 21.31 -6.73 -0.57
N THR A 284 20.24 -7.50 -0.80
CA THR A 284 19.04 -7.38 0.00
C THR A 284 19.15 -8.03 1.38
N THR A 285 20.30 -8.61 1.71
CA THR A 285 20.57 -9.00 3.07
C THR A 285 20.94 -7.81 3.97
N LYS A 286 21.21 -6.65 3.38
N LYS A 286 21.21 -6.65 3.38
CA LYS A 286 21.65 -5.45 4.08
CA LYS A 286 21.64 -5.45 4.10
C LYS A 286 20.66 -4.29 3.82
C LYS A 286 20.66 -4.29 3.83
N LYS A 287 20.61 -3.35 4.77
CA LYS A 287 19.81 -2.15 4.62
C LYS A 287 20.20 -1.40 3.36
N LEU A 288 19.23 -0.76 2.72
CA LEU A 288 19.48 0.08 1.57
C LEU A 288 18.61 1.34 1.67
N THR A 289 19.05 2.37 0.94
CA THR A 289 18.35 3.64 0.83
C THR A 289 17.73 3.77 -0.57
N VAL A 290 16.47 4.22 -0.62
CA VAL A 290 15.67 4.33 -1.83
C VAL A 290 15.18 5.76 -1.94
N VAL A 291 15.55 6.45 -3.03
CA VAL A 291 15.16 7.85 -3.25
C VAL A 291 14.31 7.96 -4.53
N THR A 292 13.20 8.67 -4.42
CA THR A 292 12.23 8.76 -5.52
C THR A 292 11.88 10.24 -5.69
N GLN A 293 12.02 10.73 -6.93
N GLN A 293 12.08 10.74 -6.91
CA GLN A 293 11.98 12.16 -7.24
CA GLN A 293 11.96 12.16 -7.25
C GLN A 293 10.92 12.45 -8.28
C GLN A 293 10.84 12.37 -8.23
N PHE A 294 10.03 13.41 -7.98
CA PHE A 294 8.85 13.70 -8.82
C PHE A 294 9.05 15.03 -9.55
N GLU A 295 9.72 15.00 -10.70
CA GLU A 295 10.01 16.23 -11.41
C GLU A 295 8.71 16.83 -11.96
N THR A 296 8.70 18.15 -12.15
CA THR A 296 7.46 18.80 -12.53
C THR A 296 6.90 18.42 -13.90
N SER A 297 7.70 17.80 -14.76
CA SER A 297 7.14 17.28 -16.00
C SER A 297 6.12 16.17 -15.80
N GLY A 298 6.13 15.53 -14.62
CA GLY A 298 5.30 14.36 -14.35
C GLY A 298 6.03 13.04 -14.41
N ALA A 299 7.30 13.05 -14.82
CA ALA A 299 8.12 11.86 -14.83
C ALA A 299 8.66 11.58 -13.42
N ILE A 300 9.11 10.34 -13.21
CA ILE A 300 9.61 9.91 -11.91
C ILE A 300 11.04 9.37 -12.09
N ASN A 301 11.96 9.86 -11.24
CA ASN A 301 13.34 9.41 -11.21
C ASN A 301 13.63 8.72 -9.90
N ARG A 302 14.62 7.83 -9.93
CA ARG A 302 14.90 6.92 -8.80
C ARG A 302 16.39 6.67 -8.72
N TYR A 303 16.93 6.72 -7.52
CA TYR A 303 18.29 6.20 -7.25
C TYR A 303 18.29 5.48 -5.91
N TYR A 304 19.36 4.72 -5.71
CA TYR A 304 19.55 3.88 -4.51
C TYR A 304 20.93 4.15 -3.95
N VAL A 305 21.09 3.96 -2.64
CA VAL A 305 22.41 4.05 -2.02
C VAL A 305 22.56 2.85 -1.10
N GLN A 306 23.71 2.17 -1.17
CA GLN A 306 24.03 1.12 -0.23
C GLN A 306 25.51 1.15 0.06
N ASN A 307 25.87 1.17 1.35
CA ASN A 307 27.24 1.18 1.79
C ASN A 307 28.05 2.32 1.13
N GLY A 308 27.39 3.46 0.93
N GLY A 308 27.41 3.48 0.97
CA GLY A 308 28.03 4.66 0.42
CA GLY A 308 28.04 4.68 0.42
C GLY A 308 28.23 4.73 -1.10
C GLY A 308 27.93 4.85 -1.10
N VAL A 309 27.66 3.75 -1.81
CA VAL A 309 27.70 3.68 -3.28
C VAL A 309 26.30 3.96 -3.81
N THR A 310 26.25 4.81 -4.83
CA THR A 310 25.02 5.28 -5.45
C THR A 310 24.80 4.64 -6.81
N PHE A 311 23.55 4.25 -7.06
CA PHE A 311 23.10 3.66 -8.30
C PHE A 311 21.82 4.30 -8.77
N GLN A 312 21.80 4.92 -9.95
CA GLN A 312 20.53 5.26 -10.56
C GLN A 312 19.72 4.00 -10.81
N GLN A 313 18.40 4.14 -10.89
CA GLN A 313 17.57 3.09 -11.48
C GLN A 313 18.29 2.56 -12.72
N PRO A 314 18.46 1.21 -12.87
CA PRO A 314 19.17 0.70 -14.04
C PRO A 314 18.47 1.08 -15.35
N ASN A 315 19.28 1.28 -16.38
CA ASN A 315 18.72 1.50 -17.71
C ASN A 315 17.96 0.31 -18.19
N ALA A 316 16.92 0.60 -18.95
CA ALA A 316 16.08 -0.40 -19.62
C ALA A 316 15.90 0.03 -21.07
N GLU A 317 15.82 -0.96 -21.96
CA GLU A 317 15.49 -0.76 -23.37
C GLU A 317 14.26 -1.61 -23.62
N LEU A 318 13.20 -0.97 -24.11
CA LEU A 318 11.91 -1.64 -24.27
C LEU A 318 11.27 -1.00 -25.47
N GLY A 319 11.12 -1.73 -26.57
CA GLY A 319 10.65 -1.09 -27.78
C GLY A 319 11.56 0.04 -28.19
N SER A 320 10.99 1.22 -28.48
CA SER A 320 11.77 2.41 -28.83
C SER A 320 12.23 3.22 -27.63
N TYR A 321 11.85 2.80 -26.42
CA TYR A 321 12.27 3.47 -25.17
C TYR A 321 13.68 3.02 -24.77
N SER A 322 14.50 3.96 -24.32
CA SER A 322 15.76 3.65 -23.68
C SER A 322 16.04 4.69 -22.62
N GLY A 323 16.35 4.24 -21.40
CA GLY A 323 16.64 5.14 -20.31
C GLY A 323 16.31 4.57 -18.96
N ASN A 324 16.31 5.45 -17.96
CA ASN A 324 16.02 5.05 -16.59
C ASN A 324 15.01 5.96 -15.89
N GLU A 325 14.41 6.90 -16.62
CA GLU A 325 13.34 7.75 -16.12
C GLU A 325 11.98 7.13 -16.47
N LEU A 326 11.09 7.07 -15.47
CA LEU A 326 9.72 6.60 -15.67
C LEU A 326 8.93 7.78 -16.22
N ASN A 327 8.75 7.78 -17.55
CA ASN A 327 8.11 8.88 -18.27
C ASN A 327 7.06 8.34 -19.24
N ASP A 328 6.39 9.22 -19.97
CA ASP A 328 5.34 8.81 -20.91
C ASP A 328 5.88 7.78 -21.90
N ASP A 329 7.09 8.03 -22.38
CA ASP A 329 7.66 7.14 -23.38
C ASP A 329 7.85 5.72 -22.84
N TYR A 330 8.31 5.61 -21.59
CA TYR A 330 8.43 4.28 -20.94
C TYR A 330 7.05 3.64 -20.84
N CYS A 331 6.07 4.37 -20.33
CA CYS A 331 4.79 3.74 -20.02
C CYS A 331 4.09 3.26 -21.29
N THR A 332 4.22 4.06 -22.35
N THR A 332 4.22 4.01 -22.39
CA THR A 332 3.71 3.74 -23.67
CA THR A 332 3.62 3.60 -23.64
C THR A 332 4.40 2.51 -24.25
C THR A 332 4.41 2.48 -24.32
N ALA A 333 5.73 2.48 -24.18
CA ALA A 333 6.53 1.36 -24.67
C ALA A 333 6.19 0.07 -23.91
N GLU A 334 5.96 0.20 -22.60
CA GLU A 334 5.63 -0.95 -21.79
C GLU A 334 4.30 -1.58 -22.27
N GLU A 335 3.26 -0.75 -22.45
N GLU A 335 3.27 -0.74 -22.47
CA GLU A 335 2.00 -1.26 -22.98
CA GLU A 335 2.00 -1.22 -22.99
C GLU A 335 2.21 -1.92 -24.34
C GLU A 335 2.13 -1.84 -24.38
N ALA A 336 3.02 -1.32 -25.21
CA ALA A 336 3.23 -1.86 -26.55
C ALA A 336 3.93 -3.22 -26.50
N GLU A 337 4.89 -3.36 -25.59
CA GLU A 337 5.72 -4.55 -25.53
C GLU A 337 5.16 -5.66 -24.66
N PHE A 338 4.64 -5.31 -23.49
CA PHE A 338 4.09 -6.31 -22.58
C PHE A 338 2.59 -6.53 -22.78
N GLY A 339 1.87 -5.53 -23.29
CA GLY A 339 0.44 -5.60 -23.49
C GLY A 339 -0.34 -4.74 -22.53
N GLY A 340 -1.62 -4.57 -22.86
CA GLY A 340 -2.58 -3.91 -22.00
C GLY A 340 -2.71 -2.44 -22.31
N SER A 341 -3.77 -1.83 -21.77
CA SER A 341 -4.06 -0.43 -21.99
C SER A 341 -4.61 0.29 -20.76
N SER A 342 -4.60 -0.36 -19.59
CA SER A 342 -5.23 0.21 -18.41
C SER A 342 -4.65 1.56 -18.01
N PHE A 343 -3.31 1.65 -17.93
CA PHE A 343 -2.66 2.89 -17.51
C PHE A 343 -3.00 4.03 -18.44
N SER A 344 -2.88 3.81 -19.75
N SER A 344 -2.87 3.83 -19.75
CA SER A 344 -3.19 4.87 -20.71
CA SER A 344 -3.20 4.88 -20.70
C SER A 344 -4.70 5.16 -20.74
C SER A 344 -4.71 5.17 -20.73
N ASP A 345 -5.53 4.12 -20.60
CA ASP A 345 -6.99 4.31 -20.61
C ASP A 345 -7.44 5.24 -19.48
N LYS A 346 -6.76 5.18 -18.33
CA LYS A 346 -7.09 6.01 -17.16
C LYS A 346 -6.36 7.36 -17.19
N GLY A 347 -5.60 7.64 -18.26
CA GLY A 347 -5.02 8.95 -18.47
C GLY A 347 -3.53 9.08 -18.21
N GLY A 348 -2.85 7.99 -17.89
CA GLY A 348 -1.41 7.95 -17.83
C GLY A 348 -0.80 8.88 -16.80
N LEU A 349 0.44 9.28 -17.07
CA LEU A 349 1.15 10.16 -16.15
C LEU A 349 0.55 11.56 -16.08
N THR A 350 -0.14 11.99 -17.13
CA THR A 350 -0.82 13.28 -17.12
C THR A 350 -1.92 13.27 -16.06
N GLN A 351 -2.72 12.21 -16.02
CA GLN A 351 -3.75 12.07 -15.01
C GLN A 351 -3.11 11.88 -13.62
N PHE A 352 -2.01 11.12 -13.55
CA PHE A 352 -1.35 10.85 -12.29
C PHE A 352 -0.82 12.14 -11.64
N LYS A 353 -0.33 13.09 -12.45
N LYS A 353 -0.32 13.07 -12.47
CA LYS A 353 0.22 14.32 -11.94
CA LYS A 353 0.21 14.35 -12.02
C LYS A 353 -0.84 15.16 -11.23
C LYS A 353 -0.84 15.14 -11.23
N LYS A 354 -2.12 14.94 -11.56
CA LYS A 354 -3.20 15.61 -10.87
C LYS A 354 -3.26 15.18 -9.41
N ALA A 355 -2.80 13.96 -9.11
CA ALA A 355 -2.72 13.45 -7.74
C ALA A 355 -1.50 13.97 -7.01
N THR A 356 -0.32 13.88 -7.65
CA THR A 356 0.91 14.28 -6.98
C THR A 356 1.01 15.80 -6.79
N SER A 357 0.20 16.55 -7.54
N SER A 357 0.21 16.58 -7.51
CA SER A 357 0.07 18.00 -7.39
CA SER A 357 0.18 18.02 -7.28
C SER A 357 -0.60 18.38 -6.06
C SER A 357 -0.68 18.42 -6.10
N GLY A 358 -1.44 17.47 -5.55
CA GLY A 358 -2.24 17.68 -4.34
C GLY A 358 -1.64 16.90 -3.19
N GLY A 359 -2.35 16.75 -2.10
CA GLY A 359 -1.84 16.04 -0.94
C GLY A 359 -2.12 14.55 -1.03
N MET A 360 -1.16 13.76 -0.53
CA MET A 360 -1.33 12.32 -0.41
C MET A 360 -0.80 11.88 0.97
N VAL A 361 -1.37 10.79 1.49
CA VAL A 361 -1.03 10.19 2.77
C VAL A 361 -0.05 9.04 2.59
N LEU A 362 0.94 8.97 3.48
CA LEU A 362 1.94 7.91 3.50
C LEU A 362 1.40 6.68 4.22
N VAL A 363 1.55 5.55 3.53
CA VAL A 363 1.11 4.22 3.96
C VAL A 363 2.35 3.31 4.03
N MET A 364 2.46 2.53 5.11
CA MET A 364 3.47 1.46 5.21
C MET A 364 2.74 0.20 5.65
N SER A 365 3.02 -0.91 4.97
CA SER A 365 2.30 -2.13 5.19
C SER A 365 3.16 -3.35 4.99
N LEU A 366 2.64 -4.48 5.48
CA LEU A 366 3.22 -5.79 5.23
C LEU A 366 2.07 -6.73 4.99
N TRP A 367 2.11 -7.44 3.86
CA TRP A 367 1.01 -8.31 3.49
C TRP A 367 1.49 -9.52 2.71
N ASP A 368 0.69 -10.58 2.75
CA ASP A 368 0.70 -11.67 1.78
C ASP A 368 -0.56 -11.57 0.91
N ASP A 369 -0.57 -12.31 -0.20
CA ASP A 369 -1.49 -12.06 -1.31
C ASP A 369 -2.41 -13.25 -1.52
N TYR A 370 -3.64 -13.12 -1.03
CA TYR A 370 -4.67 -14.17 -1.08
C TYR A 370 -5.29 -14.29 -2.48
N TYR A 371 -4.86 -13.49 -3.46
N TYR A 371 -4.93 -13.40 -3.42
CA TYR A 371 -5.50 -13.47 -4.79
CA TYR A 371 -5.44 -13.43 -4.83
C TYR A 371 -4.51 -13.93 -5.89
C TYR A 371 -4.45 -14.18 -5.73
N ALA A 372 -3.20 -13.73 -5.73
CA ALA A 372 -2.21 -14.19 -6.71
C ALA A 372 -0.86 -14.57 -6.12
N ASN A 373 -0.77 -14.76 -4.79
CA ASN A 373 0.41 -15.31 -4.15
C ASN A 373 1.69 -14.47 -4.39
N MET A 374 1.51 -13.19 -4.71
CA MET A 374 2.61 -12.26 -4.95
C MET A 374 3.43 -12.62 -6.19
N LEU A 375 2.88 -13.49 -7.05
CA LEU A 375 3.64 -13.97 -8.21
C LEU A 375 3.91 -12.87 -9.22
N TRP A 376 3.00 -11.88 -9.27
CA TRP A 376 3.15 -10.73 -10.16
C TRP A 376 4.37 -9.87 -9.80
N LEU A 377 4.81 -9.94 -8.55
CA LEU A 377 5.97 -9.20 -8.08
C LEU A 377 7.26 -9.99 -8.27
N ASP A 378 7.24 -11.27 -7.91
CA ASP A 378 8.48 -11.98 -7.66
C ASP A 378 8.68 -13.29 -8.42
N SER A 379 7.77 -13.62 -9.34
CA SER A 379 7.80 -14.92 -10.01
C SER A 379 7.50 -14.73 -11.49
N THR A 380 7.08 -15.82 -12.13
CA THR A 380 6.59 -15.79 -13.50
C THR A 380 5.06 -15.76 -13.46
N TYR A 381 4.48 -14.80 -14.16
CA TYR A 381 3.03 -14.53 -14.06
C TYR A 381 2.51 -14.03 -15.39
N PRO A 382 1.42 -14.62 -15.94
CA PRO A 382 0.80 -15.85 -15.43
C PRO A 382 1.77 -17.05 -15.41
N THR A 383 1.44 -18.05 -14.60
CA THR A 383 2.42 -19.10 -14.33
C THR A 383 2.64 -20.08 -15.47
N ASN A 384 1.74 -20.06 -16.46
CA ASN A 384 1.88 -20.88 -17.66
C ASN A 384 2.77 -20.23 -18.74
N GLU A 385 3.26 -19.01 -18.50
CA GLU A 385 4.14 -18.35 -19.45
C GLU A 385 5.58 -18.78 -19.20
N THR A 386 6.45 -18.44 -20.14
CA THR A 386 7.87 -18.68 -20.02
C THR A 386 8.60 -17.37 -20.27
N SER A 387 9.93 -17.41 -20.12
CA SER A 387 10.78 -16.27 -20.38
C SER A 387 10.68 -15.72 -21.81
N SER A 388 10.12 -16.50 -22.73
CA SER A 388 9.93 -16.06 -24.12
C SER A 388 8.77 -15.09 -24.27
N THR A 389 7.93 -14.98 -23.24
CA THR A 389 6.84 -14.03 -23.20
C THR A 389 7.37 -12.73 -22.59
N PRO A 390 7.39 -11.61 -23.36
CA PRO A 390 7.89 -10.35 -22.82
C PRO A 390 7.20 -9.98 -21.50
N GLY A 391 8.00 -9.72 -20.46
CA GLY A 391 7.50 -9.26 -19.18
C GLY A 391 6.93 -10.33 -18.26
N ALA A 392 6.91 -11.59 -18.69
CA ALA A 392 6.32 -12.63 -17.85
C ALA A 392 7.09 -12.90 -16.55
N VAL A 393 8.43 -12.87 -16.64
CA VAL A 393 9.29 -13.19 -15.49
C VAL A 393 9.63 -11.93 -14.71
N ARG A 394 9.21 -11.86 -13.46
CA ARG A 394 9.35 -10.65 -12.60
C ARG A 394 10.33 -10.89 -11.44
N GLY A 395 10.69 -12.15 -11.19
CA GLY A 395 11.68 -12.50 -10.20
C GLY A 395 11.93 -13.99 -10.26
N SER A 396 12.81 -14.47 -9.37
CA SER A 396 13.30 -15.82 -9.40
C SER A 396 12.51 -16.79 -8.53
N CYS A 397 11.47 -16.32 -7.84
CA CYS A 397 10.67 -17.22 -7.00
C CYS A 397 9.95 -18.25 -7.85
N SER A 398 9.80 -19.45 -7.31
CA SER A 398 9.00 -20.47 -7.96
C SER A 398 7.58 -20.01 -8.14
N THR A 399 6.95 -20.47 -9.22
CA THR A 399 5.52 -20.25 -9.42
C THR A 399 4.63 -20.95 -8.37
N SER A 400 5.21 -21.83 -7.55
CA SER A 400 4.54 -22.48 -6.43
C SER A 400 4.59 -21.69 -5.12
N SER A 401 5.33 -20.56 -5.15
CA SER A 401 5.62 -19.83 -3.92
C SER A 401 4.45 -18.94 -3.45
N GLY A 402 4.52 -18.50 -2.21
CA GLY A 402 3.61 -17.50 -1.71
C GLY A 402 2.21 -17.91 -1.33
N VAL A 403 1.93 -19.21 -1.20
CA VAL A 403 0.61 -19.63 -0.68
C VAL A 403 0.46 -19.06 0.73
N PRO A 404 -0.53 -18.19 1.01
CA PRO A 404 -0.59 -17.54 2.32
C PRO A 404 -0.48 -18.49 3.52
N ALA A 405 -1.26 -19.58 3.55
CA ALA A 405 -1.22 -20.44 4.72
C ALA A 405 0.17 -21.03 4.89
N GLN A 406 0.87 -21.31 3.79
CA GLN A 406 2.17 -21.92 3.86
C GLN A 406 3.21 -20.94 4.35
N VAL A 407 3.26 -19.73 3.78
N VAL A 407 3.23 -19.73 3.78
CA VAL A 407 4.24 -18.76 4.24
CA VAL A 407 4.21 -18.72 4.21
C VAL A 407 3.96 -18.26 5.67
C VAL A 407 3.95 -18.20 5.63
N GLU A 408 2.68 -18.19 6.05
CA GLU A 408 2.34 -17.83 7.43
C GLU A 408 2.81 -18.89 8.44
N SER A 409 2.75 -20.16 8.04
N SER A 409 2.74 -20.16 8.04
CA SER A 409 3.21 -21.25 8.87
CA SER A 409 3.20 -21.27 8.87
C SER A 409 4.73 -21.39 8.93
C SER A 409 4.73 -21.38 8.92
N GLN A 410 5.38 -21.20 7.78
CA GLN A 410 6.82 -21.40 7.63
C GLN A 410 7.66 -20.20 8.02
N SER A 411 7.13 -18.98 7.82
CA SER A 411 7.90 -17.75 7.98
C SER A 411 7.15 -16.74 8.84
N PRO A 412 6.58 -17.14 10.00
CA PRO A 412 5.79 -16.20 10.78
C PRO A 412 6.62 -15.03 11.32
N ASN A 413 7.94 -15.23 11.49
CA ASN A 413 8.84 -14.21 12.00
C ASN A 413 9.43 -13.30 10.93
N ALA A 414 8.94 -13.44 9.69
CA ALA A 414 9.27 -12.47 8.66
C ALA A 414 8.86 -11.06 9.14
N LYS A 415 9.56 -10.03 8.65
CA LYS A 415 9.29 -8.66 9.06
CA LYS A 415 9.29 -8.67 9.06
C LYS A 415 9.92 -7.72 8.06
N VAL A 416 9.42 -6.47 8.08
CA VAL A 416 10.02 -5.37 7.35
C VAL A 416 10.33 -4.24 8.34
N THR A 417 11.43 -3.52 8.09
CA THR A 417 11.75 -2.32 8.84
C THR A 417 12.01 -1.17 7.90
N PHE A 418 11.19 -0.13 8.02
CA PHE A 418 11.33 1.12 7.29
C PHE A 418 11.90 2.14 8.26
N SER A 419 12.86 2.96 7.82
CA SER A 419 13.48 3.93 8.72
C SER A 419 13.99 5.13 7.99
N ASN A 420 14.30 6.17 8.75
CA ASN A 420 14.97 7.34 8.24
C ASN A 420 14.26 7.97 7.04
N ILE A 421 12.96 8.21 7.17
CA ILE A 421 12.19 8.92 6.17
C ILE A 421 12.66 10.37 6.10
N LYS A 422 12.89 10.84 4.88
CA LYS A 422 13.31 12.22 4.61
C LYS A 422 12.55 12.70 3.40
N PHE A 423 12.03 13.93 3.49
CA PHE A 423 11.18 14.49 2.44
C PHE A 423 11.54 15.96 2.24
N GLY A 424 11.63 16.40 0.98
CA GLY A 424 11.86 17.79 0.70
C GLY A 424 12.05 17.99 -0.79
N PRO A 425 12.46 19.20 -1.20
CA PRO A 425 12.72 19.47 -2.60
C PRO A 425 13.68 18.46 -3.22
N ILE A 426 13.51 18.22 -4.53
CA ILE A 426 14.49 17.42 -5.26
C ILE A 426 15.89 17.94 -4.95
N GLY A 427 16.80 17.00 -4.72
CA GLY A 427 18.18 17.30 -4.39
C GLY A 427 18.50 17.56 -2.95
N SER A 428 17.50 17.55 -2.06
CA SER A 428 17.72 17.98 -0.68
C SER A 428 17.88 16.86 0.36
N THR A 429 17.38 15.65 0.10
CA THR A 429 17.22 14.68 1.17
C THR A 429 18.46 13.90 1.53
N GLY A 430 19.54 14.08 0.79
CA GLY A 430 20.83 13.51 1.15
C GLY A 430 21.68 14.37 2.06
N ASN A 431 21.17 15.55 2.42
CA ASN A 431 21.86 16.48 3.27
C ASN A 431 21.75 16.09 4.73
N PRO A 432 22.59 16.68 5.60
CA PRO A 432 22.59 16.30 7.01
C PRO A 432 21.22 16.40 7.71
N SER A 433 20.82 15.33 8.39
CA SER A 433 19.63 15.32 9.22
C SER A 433 19.78 16.28 10.39
N GLY A 434 18.65 16.84 10.84
CA GLY A 434 18.60 17.71 12.00
C GLY A 434 18.19 16.95 13.23
C2 BGC B . -0.79 -8.51 -14.69
C3 BGC B . -1.30 -7.57 -13.61
C4 BGC B . -0.12 -6.83 -12.95
C5 BGC B . 0.79 -6.19 -13.99
C6 BGC B . 2.04 -5.60 -13.36
C1 BGC B . 0.13 -7.74 -15.63
O1 BGC B . 0.67 -8.61 -16.62
O2 BGC B . -1.90 -9.05 -15.42
O3 BGC B . -1.97 -8.39 -12.65
O4 BGC B . -0.56 -5.84 -11.97
O5 BGC B . 1.23 -7.24 -14.88
O6 BGC B . 2.68 -6.56 -12.55
C1 GAL B . -0.45 -5.75 -10.90
C1 GAL B . -0.44 -6.02 -10.90
C2 GAL B . -0.42 -4.47 -10.04
C2 GAL B . -0.54 -4.76 -10.01
C3 GAL B . -0.53 -4.65 -8.52
C3 GAL B . -0.52 -5.09 -8.52
C4 GAL B . -1.43 -5.79 -8.08
C4 GAL B . -1.62 -6.07 -8.15
C5 GAL B . -1.32 -7.02 -8.98
C5 GAL B . -1.44 -7.30 -9.03
C6 GAL B . -2.40 -8.03 -8.58
C6 GAL B . -2.48 -8.39 -8.74
O2 GAL B . 0.79 -3.73 -10.32
O2 GAL B . 0.46 -3.74 -10.28
O3 GAL B . -1.03 -3.46 -7.83
O3 GAL B . -0.65 -3.86 -7.75
O4 GAL B . -2.79 -5.34 -8.03
O4 GAL B . -2.92 -5.52 -8.35
O5 GAL B . -1.45 -6.66 -10.37
O5 GAL B . -1.48 -6.93 -10.43
O6 GAL B . -2.25 -9.30 -9.25
O6 GAL B . -3.81 -7.95 -9.01
C1 NAG C . 22.04 -3.99 -13.91
C2 NAG C . 23.02 -4.11 -15.10
C3 NAG C . 24.42 -3.72 -14.68
C4 NAG C . 24.39 -2.33 -14.06
C5 NAG C . 23.39 -2.29 -12.91
C6 NAG C . 23.26 -0.92 -12.27
C7 NAG C . 22.19 -5.88 -16.56
C8 NAG C . 22.21 -7.35 -16.87
N2 NAG C . 23.01 -5.49 -15.59
O3 NAG C . 25.27 -3.72 -15.85
O4 NAG C . 25.70 -1.98 -13.58
O5 NAG C . 22.11 -2.67 -13.38
O6 NAG C . 22.88 0.02 -13.27
O7 NAG C . 21.41 -5.13 -17.14
C2 BGC D . 24.10 23.21 9.54
C3 BGC D . 23.02 23.26 10.61
C4 BGC D . 21.88 22.29 10.29
C5 BGC D . 22.45 20.89 10.01
C6 BGC D . 21.41 19.83 9.73
C1 BGC D . 24.55 21.76 9.35
O2 BGC D . 25.20 24.06 9.89
O3 BGC D . 22.54 24.60 10.73
O4 BGC D . 20.89 22.27 11.35
O5 BGC D . 23.42 20.99 8.94
O6 BGC D . 20.79 20.05 8.47
C1 GAL E . 19.83 22.40 11.20
C2 GAL E . 18.99 22.12 12.46
C3 GAL E . 17.48 22.38 12.26
C4 GAL E . 17.26 23.81 11.74
C5 GAL E . 18.05 23.94 10.43
C6 GAL E . 17.93 25.33 9.78
O2 GAL E . 19.12 20.76 12.85
O3 GAL E . 16.68 22.14 13.45
O4 GAL E . 17.66 24.78 12.71
O5 GAL E . 19.44 23.71 10.71
O6 GAL E . 16.59 25.66 9.37
C1 NPO F . 27.83 18.62 7.26
C2 NPO F . 27.07 18.53 8.43
C3 NPO F . 26.25 19.60 8.76
C4 NPO F . 26.20 20.72 7.95
C5 NPO F . 26.96 20.77 6.78
C6 NPO F . 27.78 19.73 6.44
OH NPO F . 25.39 21.77 8.26
N1 NPO F . 28.69 17.51 6.89
O2 NPO F . 28.76 16.56 7.65
O3 NPO F . 29.29 17.57 5.83
CO CO G . 13.36 14.44 -16.52
CO CO H . -24.47 1.92 -2.55
#